data_2XBN
#
_entry.id   2XBN
#
_cell.length_a   74.141
_cell.length_b   107.651
_cell.length_c   90.106
_cell.angle_alpha   90.00
_cell.angle_beta   90.00
_cell.angle_gamma   90.00
#
_symmetry.space_group_name_H-M   'C 2 2 21'
#
loop_
_entity.id
_entity.type
_entity.pdbx_description
1 polymer 'SERINE PALMITOYLTRANSFERASE'
2 non-polymer "4'-DEOXY-4'-AMINOPYRIDOXAL-5'-PHOSPHATE"
3 non-polymer 'MAGNESIUM ION'
4 water water
#
_entity_poly.entity_id   1
_entity_poly.type   'polypeptide(L)'
_entity_poly.pdbx_seq_one_letter_code
;TEAAAQPHALPADAPDIAPERDLLSKFDGLIAERQKLLDSGVTDPFAIVMEQVKSPTEAVIRGKDTILLGTYNYMGMTFD
PDVIAAGKEALEKFGSGTNGSRMLNGTFHDHMEVEQALRDFYGTTGAIVFSTGYMANLGIISTLAGKGEYVILDADSHAS
IYDGCQQGNAEIVRFRHNSVEDLDKRLGRLPKEPAKLVVLEGVYSMLGDIAPLKEMVAVAKKHGAMVLVDEAHSMGFFGP
NGRGVYEAQGLEGQIDFVVGTFSKSVGTVGGFVVSNHPKFEAVRLACRPYIFTASLPPSVVATATTSIRKLMTAHEKRER
LWSNARALHGGLKAMGFRLGTETCDSAIVAVMLEDQEQAAMMWQALLDGGLYVNMARPPATPAGTFLLRCSICAEHTPAQ
IQTVLGMFQAAGRAVGVIGLEHHHHHH
;
_entity_poly.pdbx_strand_id   A
#
loop_
_chem_comp.id
_chem_comp.type
_chem_comp.name
_chem_comp.formula
MG non-polymer 'MAGNESIUM ION' 'Mg 2'
PMP non-polymer 4'-DEOXY-4'-AMINOPYRIDOXAL-5'-PHOSPHATE 'C8 H13 N2 O5 P'
#
# COMPACT_ATOMS: atom_id res chain seq x y z
N ARG A 21 -3.99 38.63 -4.01
CA ARG A 21 -4.17 37.16 -3.82
C ARG A 21 -4.65 36.47 -5.09
N ASP A 22 -4.31 35.20 -5.25
CA ASP A 22 -4.76 34.39 -6.39
C ASP A 22 -5.03 32.95 -5.91
N LEU A 23 -5.17 32.01 -6.85
CA LEU A 23 -5.48 30.62 -6.51
C LEU A 23 -4.39 29.93 -5.69
N LEU A 24 -3.17 30.45 -5.72
CA LEU A 24 -2.07 29.81 -4.98
C LEU A 24 -1.80 30.42 -3.60
N SER A 25 -2.48 31.51 -3.27
CA SER A 25 -2.34 32.12 -1.96
C SER A 25 -2.69 31.13 -0.83
N LYS A 26 -3.60 30.20 -1.12
CA LYS A 26 -3.98 29.15 -0.16
C LYS A 26 -2.85 28.21 0.24
N PHE A 27 -1.73 28.25 -0.48
CA PHE A 27 -0.57 27.42 -0.15
C PHE A 27 0.48 28.15 0.67
N ASP A 28 0.26 29.42 0.98
CA ASP A 28 1.21 30.23 1.74
C ASP A 28 1.58 29.55 3.08
N GLY A 29 0.59 28.98 3.75
CA GLY A 29 0.82 28.28 5.02
C GLY A 29 1.75 27.08 4.90
N LEU A 30 1.49 26.23 3.90
CA LEU A 30 2.30 25.04 3.66
C LEU A 30 3.72 25.41 3.27
N ILE A 31 3.87 26.47 2.49
CA ILE A 31 5.18 26.98 2.10
C ILE A 31 5.96 27.42 3.33
N ALA A 32 5.29 28.16 4.22
CA ALA A 32 5.91 28.60 5.47
C ALA A 32 6.29 27.43 6.36
N GLU A 33 5.42 26.42 6.43
CA GLU A 33 5.66 25.22 7.25
C GLU A 33 6.86 24.43 6.73
N ARG A 34 6.99 24.30 5.42
CA ARG A 34 8.15 23.65 4.83
C ARG A 34 9.42 24.41 5.17
N GLN A 35 9.40 25.73 5.04
CA GLN A 35 10.59 26.53 5.32
C GLN A 35 11.00 26.43 6.79
N LYS A 36 10.02 26.33 7.69
CA LYS A 36 10.29 26.16 9.11
C LYS A 36 11.03 24.84 9.37
N LEU A 37 10.58 23.78 8.72
CA LEU A 37 11.25 22.48 8.80
C LEU A 37 12.70 22.58 8.32
N LEU A 38 12.90 23.21 7.17
CA LEU A 38 14.23 23.36 6.60
C LEU A 38 15.15 24.25 7.44
N ASP A 39 14.57 25.21 8.17
CA ASP A 39 15.34 26.06 9.09
C ASP A 39 16.02 25.25 10.19
N SER A 40 15.50 24.07 10.49
CA SER A 40 16.12 23.17 11.47
C SER A 40 17.42 22.54 10.97
N GLY A 41 17.67 22.61 9.66
CA GLY A 41 18.91 22.10 9.08
C GLY A 41 18.78 20.71 8.49
N VAL A 42 17.58 20.16 8.53
CA VAL A 42 17.33 18.83 8.01
C VAL A 42 17.27 18.84 6.48
N THR A 43 17.67 17.72 5.89
CA THR A 43 17.42 17.44 4.48
C THR A 43 15.90 17.46 4.27
N ASP A 44 15.44 18.05 3.18
CA ASP A 44 14.00 18.05 2.87
C ASP A 44 13.53 16.61 2.62
N PRO A 45 12.66 16.07 3.50
CA PRO A 45 12.23 14.67 3.34
C PRO A 45 11.32 14.47 2.14
N PHE A 46 10.74 15.55 1.64
CA PHE A 46 9.82 15.47 0.52
C PHE A 46 10.51 15.66 -0.82
N ALA A 47 11.85 15.77 -0.82
CA ALA A 47 12.59 16.01 -2.05
C ALA A 47 13.79 15.07 -2.23
N ILE A 48 13.76 13.93 -1.57
CA ILE A 48 14.82 12.93 -1.70
C ILE A 48 14.85 12.38 -3.11
N VAL A 49 16.05 12.29 -3.70
CA VAL A 49 16.21 11.71 -5.04
C VAL A 49 17.09 10.47 -4.97
N MET A 50 16.59 9.35 -5.51
CA MET A 50 17.39 8.14 -5.64
C MET A 50 18.19 8.29 -6.93
N GLU A 51 19.43 8.74 -6.82
CA GLU A 51 20.22 9.03 -8.00
C GLU A 51 20.65 7.77 -8.74
N GLN A 52 20.92 6.72 -7.97
CA GLN A 52 21.16 5.38 -8.48
C GLN A 52 20.40 4.43 -7.58
N VAL A 53 19.91 3.34 -8.17
CA VAL A 53 19.31 2.26 -7.40
C VAL A 53 20.02 0.99 -7.84
N LYS A 54 20.84 0.44 -6.96
CA LYS A 54 21.66 -0.72 -7.28
C LYS A 54 20.88 -2.03 -7.19
N SER A 55 19.90 -2.06 -6.29
CA SER A 55 19.12 -3.25 -6.02
C SER A 55 17.91 -2.83 -5.23
N PRO A 56 17.02 -3.76 -4.90
CA PRO A 56 15.87 -3.37 -4.09
C PRO A 56 16.23 -2.78 -2.72
N THR A 57 17.44 -3.05 -2.24
CA THR A 57 17.83 -2.64 -0.89
C THR A 57 18.96 -1.61 -0.82
N GLU A 58 19.47 -1.16 -1.97
CA GLU A 58 20.64 -0.28 -2.00
C GLU A 58 20.45 0.82 -3.03
N ALA A 59 20.70 2.06 -2.61
CA ALA A 59 20.60 3.21 -3.50
C ALA A 59 21.75 4.17 -3.21
N VAL A 60 21.89 5.16 -4.08
CA VAL A 60 22.79 6.28 -3.86
C VAL A 60 21.92 7.52 -3.68
N ILE A 61 22.02 8.14 -2.52
CA ILE A 61 21.24 9.32 -2.14
C ILE A 61 22.23 10.34 -1.64
N ARG A 62 22.18 11.54 -2.22
CA ARG A 62 23.09 12.62 -1.85
C ARG A 62 24.55 12.15 -1.98
N GLY A 63 24.80 11.37 -3.03
CA GLY A 63 26.13 10.86 -3.33
C GLY A 63 26.63 9.73 -2.42
N LYS A 64 25.76 9.24 -1.54
CA LYS A 64 26.14 8.26 -0.51
C LYS A 64 25.43 6.93 -0.68
N ASP A 65 26.18 5.83 -0.61
CA ASP A 65 25.58 4.49 -0.60
C ASP A 65 24.68 4.37 0.61
N THR A 66 23.44 3.93 0.37
CA THR A 66 22.41 3.97 1.39
C THR A 66 21.59 2.69 1.33
N ILE A 67 21.33 2.09 2.48
CA ILE A 67 20.41 0.96 2.57
C ILE A 67 19.00 1.51 2.52
N LEU A 68 18.17 0.93 1.66
CA LEU A 68 16.76 1.30 1.56
C LEU A 68 15.90 0.51 2.54
N LEU A 69 15.17 1.21 3.39
CA LEU A 69 14.29 0.57 4.38
C LEU A 69 12.99 1.37 4.45
N GLY A 70 12.66 2.03 3.36
CA GLY A 70 11.46 2.86 3.28
C GLY A 70 10.76 2.74 1.94
N THR A 71 10.75 1.53 1.38
CA THR A 71 10.03 1.28 0.13
C THR A 71 8.98 0.20 0.35
N TYR A 72 8.01 0.14 -0.55
CA TYR A 72 6.98 -0.90 -0.48
C TYR A 72 7.28 -2.06 -1.41
N ASN A 73 8.57 -2.30 -1.66
CA ASN A 73 9.05 -3.35 -2.55
C ASN A 73 9.15 -4.67 -1.78
N TYR A 74 8.04 -5.08 -1.18
CA TYR A 74 8.05 -6.10 -0.14
C TYR A 74 8.71 -7.41 -0.60
N MET A 75 8.51 -7.77 -1.86
CA MET A 75 9.01 -9.06 -2.36
C MET A 75 10.23 -8.92 -3.28
N GLY A 76 10.81 -7.73 -3.32
CA GLY A 76 12.01 -7.46 -4.09
C GLY A 76 11.89 -7.75 -5.57
N MET A 77 10.69 -7.58 -6.12
CA MET A 77 10.44 -7.99 -7.51
C MET A 77 10.99 -7.03 -8.56
N THR A 78 11.35 -5.81 -8.17
CA THR A 78 11.72 -4.79 -9.14
C THR A 78 13.01 -5.09 -9.91
N PHE A 79 13.87 -5.94 -9.38
CA PHE A 79 15.09 -6.36 -10.08
C PHE A 79 15.06 -7.85 -10.43
N ASP A 80 13.90 -8.47 -10.36
CA ASP A 80 13.78 -9.87 -10.71
C ASP A 80 14.12 -10.04 -12.20
N PRO A 81 14.96 -11.03 -12.54
CA PRO A 81 15.42 -11.13 -13.91
C PRO A 81 14.31 -11.49 -14.91
N ASP A 82 13.32 -12.26 -14.48
CA ASP A 82 12.20 -12.56 -15.35
C ASP A 82 11.33 -11.32 -15.57
N VAL A 83 11.14 -10.54 -14.51
CA VAL A 83 10.35 -9.32 -14.61
C VAL A 83 11.03 -8.33 -15.55
N ILE A 84 12.32 -8.10 -15.38
CA ILE A 84 13.05 -7.17 -16.23
C ILE A 84 13.04 -7.63 -17.70
N ALA A 85 13.30 -8.91 -17.95
CA ALA A 85 13.26 -9.44 -19.31
C ALA A 85 11.89 -9.26 -19.96
N ALA A 86 10.82 -9.50 -19.20
CA ALA A 86 9.47 -9.32 -19.74
C ALA A 86 9.22 -7.88 -20.15
N GLY A 87 9.72 -6.95 -19.34
CA GLY A 87 9.58 -5.52 -19.65
C GLY A 87 10.32 -5.10 -20.89
N LYS A 88 11.56 -5.57 -21.03
CA LYS A 88 12.36 -5.25 -22.23
C LYS A 88 11.74 -5.85 -23.48
N GLU A 89 11.27 -7.09 -23.39
CA GLU A 89 10.64 -7.77 -24.52
C GLU A 89 9.37 -7.02 -24.97
N ALA A 90 8.58 -6.54 -24.01
CA ALA A 90 7.36 -5.82 -24.32
C ALA A 90 7.65 -4.48 -25.00
N LEU A 91 8.67 -3.78 -24.55
CA LEU A 91 9.07 -2.55 -25.22
C LEU A 91 9.44 -2.83 -26.67
N GLU A 92 10.21 -3.89 -26.89
CA GLU A 92 10.67 -4.26 -28.22
C GLU A 92 9.50 -4.67 -29.13
N LYS A 93 8.58 -5.47 -28.59
CA LYS A 93 7.54 -6.07 -29.41
C LYS A 93 6.30 -5.19 -29.56
N PHE A 94 5.99 -4.39 -28.54
CA PHE A 94 4.77 -3.60 -28.54
C PHE A 94 4.95 -2.09 -28.41
N GLY A 95 6.17 -1.63 -28.23
CA GLY A 95 6.43 -0.20 -28.08
C GLY A 95 6.23 0.36 -26.69
N SER A 96 6.36 1.68 -26.58
CA SER A 96 6.45 2.34 -25.28
C SER A 96 5.12 2.66 -24.62
N GLY A 97 4.02 2.56 -25.35
CA GLY A 97 2.70 2.98 -24.83
C GLY A 97 1.58 2.48 -25.72
N THR A 98 0.35 2.66 -25.26
CA THR A 98 -0.84 2.24 -26.03
C THR A 98 -1.59 3.39 -26.68
N ASN A 99 -1.42 4.61 -26.18
CA ASN A 99 -2.11 5.77 -26.77
C ASN A 99 -3.64 5.60 -26.86
N GLY A 100 -4.24 4.95 -25.86
CA GLY A 100 -5.68 4.81 -25.86
C GLY A 100 -6.27 4.14 -24.64
N SER A 101 -7.56 4.37 -24.47
CA SER A 101 -8.35 3.76 -23.42
C SER A 101 -8.50 2.25 -23.63
N ARG A 102 -8.69 1.53 -22.54
CA ARG A 102 -9.08 0.11 -22.58
C ARG A 102 -10.37 -0.14 -23.32
N MET A 103 -11.26 0.85 -23.39
CA MET A 103 -12.53 0.69 -24.09
C MET A 103 -12.43 0.94 -25.59
N LEU A 104 -11.25 1.34 -26.07
CA LEU A 104 -11.04 1.59 -27.49
C LEU A 104 -9.81 0.85 -27.96
N ASN A 105 -8.71 1.55 -28.22
CA ASN A 105 -7.53 1.00 -28.89
C ASN A 105 -6.40 0.60 -27.93
N GLY A 106 -6.63 0.69 -26.63
CA GLY A 106 -5.58 0.51 -25.65
C GLY A 106 -5.44 -0.86 -25.01
N THR A 107 -6.17 -1.85 -25.50
CA THR A 107 -6.06 -3.19 -24.93
C THR A 107 -5.19 -4.04 -25.85
N PHE A 108 -3.98 -4.33 -25.40
CA PHE A 108 -3.04 -5.16 -26.15
C PHE A 108 -3.03 -6.54 -25.51
N HIS A 109 -2.32 -7.46 -26.17
CA HIS A 109 -2.05 -8.78 -25.65
C HIS A 109 -1.75 -8.77 -24.14
N ASP A 110 -0.82 -7.91 -23.71
CA ASP A 110 -0.34 -7.99 -22.33
C ASP A 110 -1.35 -7.48 -21.31
N HIS A 111 -2.33 -6.67 -21.73
CA HIS A 111 -3.40 -6.27 -20.82
C HIS A 111 -4.34 -7.43 -20.53
N MET A 112 -4.61 -8.24 -21.55
CA MET A 112 -5.41 -9.43 -21.33
C MET A 112 -4.63 -10.41 -20.45
N GLU A 113 -3.31 -10.51 -20.65
CA GLU A 113 -2.47 -11.36 -19.82
CA GLU A 113 -2.52 -11.38 -19.81
C GLU A 113 -2.51 -10.95 -18.33
N VAL A 114 -2.38 -9.66 -18.06
CA VAL A 114 -2.29 -9.22 -16.66
C VAL A 114 -3.62 -9.44 -15.93
N GLU A 115 -4.74 -9.25 -16.61
CA GLU A 115 -6.02 -9.52 -15.99
C GLU A 115 -6.18 -11.02 -15.71
N GLN A 116 -5.73 -11.88 -16.63
CA GLN A 116 -5.79 -13.31 -16.34
C GLN A 116 -4.85 -13.70 -15.21
N ALA A 117 -3.66 -13.09 -15.13
CA ALA A 117 -2.75 -13.36 -14.01
C ALA A 117 -3.42 -13.07 -12.67
N LEU A 118 -4.17 -11.97 -12.59
CA LEU A 118 -4.88 -11.62 -11.36
C LEU A 118 -5.99 -12.60 -11.03
N ARG A 119 -6.74 -13.03 -12.04
CA ARG A 119 -7.76 -14.06 -11.85
C ARG A 119 -7.13 -15.33 -11.26
N ASP A 120 -5.99 -15.73 -11.80
CA ASP A 120 -5.30 -16.93 -11.32
C ASP A 120 -4.74 -16.74 -9.91
N PHE A 121 -4.21 -15.55 -9.65
CA PHE A 121 -3.62 -15.24 -8.35
C PHE A 121 -4.67 -15.28 -7.25
N TYR A 122 -5.83 -14.68 -7.50
CA TYR A 122 -6.87 -14.55 -6.48
C TYR A 122 -7.94 -15.64 -6.56
N GLY A 123 -7.90 -16.47 -7.61
CA GLY A 123 -8.95 -17.47 -7.80
C GLY A 123 -10.33 -16.87 -8.07
N THR A 124 -10.35 -15.81 -8.87
CA THR A 124 -11.60 -15.10 -9.19
C THR A 124 -11.90 -15.18 -10.69
N THR A 125 -13.18 -15.07 -11.06
CA THR A 125 -13.57 -15.00 -12.46
C THR A 125 -13.41 -13.59 -13.04
N GLY A 126 -13.43 -12.59 -12.15
CA GLY A 126 -13.38 -11.19 -12.56
C GLY A 126 -12.11 -10.49 -12.14
N ALA A 127 -11.58 -9.65 -13.02
CA ALA A 127 -10.40 -8.83 -12.73
C ALA A 127 -10.40 -7.63 -13.65
N ILE A 128 -10.39 -6.43 -13.06
CA ILE A 128 -10.33 -5.18 -13.82
C ILE A 128 -9.11 -4.40 -13.37
N VAL A 129 -8.23 -4.11 -14.32
CA VAL A 129 -7.02 -3.35 -14.07
C VAL A 129 -7.23 -1.87 -14.42
N PHE A 130 -6.71 -1.02 -13.54
CA PHE A 130 -6.74 0.44 -13.68
C PHE A 130 -5.31 0.95 -13.82
N SER A 131 -5.16 2.19 -14.26
CA SER A 131 -3.84 2.73 -14.51
C SER A 131 -3.08 3.07 -13.22
N THR A 132 -3.77 3.22 -12.09
CA THR A 132 -3.12 3.31 -10.77
C THR A 132 -4.02 2.67 -9.72
N GLY A 133 -3.43 2.28 -8.60
CA GLY A 133 -4.20 1.85 -7.42
C GLY A 133 -5.12 2.95 -6.91
N TYR A 134 -4.61 4.16 -6.90
CA TYR A 134 -5.42 5.32 -6.51
C TYR A 134 -6.72 5.37 -7.33
N MET A 135 -6.61 5.24 -8.65
CA MET A 135 -7.76 5.28 -9.54
C MET A 135 -8.67 4.07 -9.39
N ALA A 136 -8.12 2.92 -9.06
CA ALA A 136 -8.93 1.73 -8.76
C ALA A 136 -9.85 2.00 -7.57
N ASN A 137 -9.30 2.54 -6.49
CA ASN A 137 -10.14 2.89 -5.33
C ASN A 137 -11.10 4.02 -5.66
N LEU A 138 -10.60 5.07 -6.30
CA LEU A 138 -11.44 6.21 -6.69
C LEU A 138 -12.63 5.73 -7.51
N GLY A 139 -12.32 4.91 -8.51
CA GLY A 139 -13.32 4.43 -9.44
C GLY A 139 -14.26 3.40 -8.86
N ILE A 140 -13.74 2.39 -8.18
CA ILE A 140 -14.63 1.31 -7.73
C ILE A 140 -15.61 1.81 -6.67
N ILE A 141 -15.14 2.67 -5.77
CA ILE A 141 -16.02 3.16 -4.70
C ILE A 141 -17.09 4.08 -5.26
N SER A 142 -16.70 5.00 -6.14
CA SER A 142 -17.64 5.98 -6.68
C SER A 142 -18.60 5.40 -7.71
N THR A 143 -18.26 4.23 -8.25
CA THR A 143 -19.09 3.56 -9.25
C THR A 143 -20.03 2.53 -8.61
N LEU A 144 -19.56 1.78 -7.62
CA LEU A 144 -20.40 0.75 -6.99
C LEU A 144 -21.52 1.31 -6.13
N ALA A 145 -21.26 2.40 -5.39
CA ALA A 145 -22.25 2.96 -4.48
C ALA A 145 -22.76 4.29 -5.01
N GLY A 146 -24.06 4.35 -5.32
CA GLY A 146 -24.69 5.53 -5.88
C GLY A 146 -25.53 6.30 -4.90
N LYS A 147 -26.29 7.25 -5.44
CA LYS A 147 -27.22 8.04 -4.65
C LYS A 147 -28.15 7.12 -3.86
N GLY A 148 -28.32 7.41 -2.58
CA GLY A 148 -29.19 6.64 -1.72
C GLY A 148 -28.59 5.36 -1.16
N GLU A 149 -27.34 5.08 -1.53
CA GLU A 149 -26.61 3.93 -1.01
C GLU A 149 -25.54 4.42 -0.05
N TYR A 150 -24.83 3.49 0.58
CA TYR A 150 -23.93 3.80 1.69
C TYR A 150 -22.56 3.19 1.47
N VAL A 151 -21.54 3.98 1.77
CA VAL A 151 -20.18 3.49 1.88
C VAL A 151 -19.77 3.64 3.35
N ILE A 152 -19.37 2.53 3.96
CA ILE A 152 -19.04 2.50 5.37
C ILE A 152 -17.55 2.16 5.47
N LEU A 153 -16.78 3.03 6.12
CA LEU A 153 -15.32 2.91 6.13
C LEU A 153 -14.71 3.33 7.47
N ASP A 154 -13.53 2.81 7.73
CA ASP A 154 -12.77 3.16 8.93
C ASP A 154 -12.39 4.64 8.88
N ALA A 155 -12.47 5.32 10.02
CA ALA A 155 -12.09 6.74 10.13
C ALA A 155 -10.70 7.05 9.55
N ASP A 156 -9.78 6.09 9.63
CA ASP A 156 -8.39 6.33 9.22
C ASP A 156 -8.05 5.62 7.90
N SER A 157 -9.07 5.40 7.05
CA SER A 157 -8.86 4.79 5.75
C SER A 157 -7.89 5.56 4.86
N HIS A 158 -7.25 4.86 3.94
CA HIS A 158 -6.33 5.48 2.97
C HIS A 158 -6.98 6.63 2.22
N ALA A 159 -6.18 7.65 1.91
CA ALA A 159 -6.68 8.81 1.19
C ALA A 159 -7.45 8.47 -0.08
N SER A 160 -7.01 7.46 -0.83
CA SER A 160 -7.68 7.10 -2.09
C SER A 160 -9.10 6.57 -1.85
N ILE A 161 -9.32 5.95 -0.70
CA ILE A 161 -10.64 5.45 -0.33
C ILE A 161 -11.56 6.62 0.00
N TYR A 162 -11.08 7.55 0.84
CA TYR A 162 -11.79 8.79 1.06
C TYR A 162 -12.05 9.58 -0.23
N ASP A 163 -11.08 9.58 -1.14
CA ASP A 163 -11.27 10.34 -2.38
C ASP A 163 -12.34 9.68 -3.27
N GLY A 164 -12.40 8.34 -3.27
CA GLY A 164 -13.51 7.63 -3.92
C GLY A 164 -14.87 8.01 -3.37
N CYS A 165 -14.94 8.13 -2.04
CA CYS A 165 -16.18 8.58 -1.39
C CYS A 165 -16.59 9.99 -1.85
N GLN A 166 -15.62 10.89 -1.89
CA GLN A 166 -15.85 12.26 -2.35
C GLN A 166 -16.28 12.30 -3.82
N GLN A 167 -15.72 11.42 -4.63
CA GLN A 167 -16.03 11.43 -6.05
C GLN A 167 -17.45 10.93 -6.35
N GLY A 168 -17.96 10.04 -5.50
CA GLY A 168 -19.28 9.48 -5.68
C GLY A 168 -20.38 10.31 -5.02
N ASN A 169 -21.59 9.80 -5.13
CA ASN A 169 -22.77 10.47 -4.61
C ASN A 169 -23.47 9.69 -3.49
N ALA A 170 -22.77 8.72 -2.90
CA ALA A 170 -23.33 7.92 -1.81
C ALA A 170 -23.23 8.62 -0.47
N GLU A 171 -23.94 8.06 0.52
CA GLU A 171 -23.83 8.51 1.89
C GLU A 171 -22.61 7.87 2.52
N ILE A 172 -21.78 8.66 3.19
CA ILE A 172 -20.53 8.18 3.74
C ILE A 172 -20.66 8.03 5.25
N VAL A 173 -20.29 6.84 5.74
CA VAL A 173 -20.46 6.47 7.14
C VAL A 173 -19.12 6.03 7.71
N ARG A 174 -18.46 6.95 8.41
CA ARG A 174 -17.20 6.64 9.05
C ARG A 174 -17.44 5.92 10.35
N PHE A 175 -16.58 4.95 10.66
CA PHE A 175 -16.64 4.33 12.00
C PHE A 175 -15.30 4.47 12.71
N ARG A 176 -15.37 4.47 14.03
CA ARG A 176 -14.20 4.72 14.85
C ARG A 176 -13.11 3.73 14.51
N HIS A 177 -11.89 4.24 14.39
CA HIS A 177 -10.80 3.42 13.93
C HIS A 177 -10.66 2.10 14.69
N ASN A 178 -10.58 1.01 13.92
CA ASN A 178 -10.33 -0.33 14.45
C ASN A 178 -11.40 -0.83 15.41
N SER A 179 -12.63 -0.33 15.26
CA SER A 179 -13.68 -0.67 16.20
C SER A 179 -14.74 -1.54 15.56
N VAL A 180 -14.69 -2.84 15.84
CA VAL A 180 -15.74 -3.78 15.41
C VAL A 180 -17.10 -3.33 15.96
N GLU A 181 -17.10 -2.88 17.21
CA GLU A 181 -18.33 -2.41 17.85
C GLU A 181 -18.94 -1.20 17.14
N ASP A 182 -18.13 -0.21 16.79
CA ASP A 182 -18.66 0.99 16.16
C ASP A 182 -19.12 0.68 14.72
N LEU A 183 -18.40 -0.20 14.03
CA LEU A 183 -18.86 -0.68 12.71
C LEU A 183 -20.27 -1.27 12.84
N ASP A 184 -20.45 -2.15 13.82
CA ASP A 184 -21.73 -2.80 14.06
C ASP A 184 -22.82 -1.78 14.40
N LYS A 185 -22.53 -0.87 15.32
CA LYS A 185 -23.54 0.12 15.73
C LYS A 185 -23.90 1.06 14.59
N ARG A 186 -22.90 1.51 13.85
CA ARG A 186 -23.12 2.46 12.76
C ARG A 186 -23.90 1.81 11.62
N LEU A 187 -23.50 0.60 11.21
CA LEU A 187 -24.24 -0.17 10.21
C LEU A 187 -25.68 -0.40 10.60
N GLY A 188 -25.89 -0.77 11.86
CA GLY A 188 -27.22 -1.13 12.34
C GLY A 188 -28.22 0.01 12.37
N ARG A 189 -27.73 1.23 12.39
CA ARG A 189 -28.62 2.40 12.35
C ARG A 189 -29.05 2.81 10.95
N LEU A 190 -28.44 2.23 9.92
CA LEU A 190 -28.79 2.56 8.54
C LEU A 190 -30.07 1.84 8.13
N PRO A 191 -30.83 2.43 7.19
CA PRO A 191 -32.00 1.72 6.68
C PRO A 191 -31.59 0.39 6.04
N LYS A 192 -32.45 -0.62 6.17
CA LYS A 192 -32.09 -1.98 5.75
C LYS A 192 -32.04 -2.16 4.24
N GLU A 193 -32.94 -1.52 3.51
CA GLU A 193 -33.13 -1.83 2.08
C GLU A 193 -31.97 -1.39 1.17
N PRO A 194 -31.46 -0.14 1.32
CA PRO A 194 -30.44 0.29 0.37
C PRO A 194 -29.17 -0.55 0.43
N ALA A 195 -28.56 -0.74 -0.73
CA ALA A 195 -27.31 -1.47 -0.82
C ALA A 195 -26.18 -0.71 -0.13
N LYS A 196 -25.22 -1.47 0.39
CA LYS A 196 -24.15 -0.93 1.22
C LYS A 196 -22.82 -1.57 0.89
N LEU A 197 -21.79 -0.75 0.89
CA LEU A 197 -20.41 -1.19 0.68
C LEU A 197 -19.59 -0.89 1.93
N VAL A 198 -19.14 -1.93 2.61
CA VAL A 198 -18.18 -1.79 3.72
C VAL A 198 -16.78 -1.92 3.13
N VAL A 199 -15.97 -0.89 3.31
CA VAL A 199 -14.61 -0.86 2.79
C VAL A 199 -13.62 -1.00 3.94
N LEU A 200 -12.77 -2.01 3.85
CA LEU A 200 -11.77 -2.31 4.88
C LEU A 200 -10.39 -2.45 4.27
N GLU A 201 -9.37 -2.24 5.09
CA GLU A 201 -8.00 -2.50 4.71
C GLU A 201 -7.50 -3.66 5.56
N GLY A 202 -6.71 -4.56 4.96
CA GLY A 202 -6.13 -5.66 5.72
C GLY A 202 -5.07 -5.22 6.72
N VAL A 203 -4.13 -4.43 6.23
CA VAL A 203 -3.06 -3.87 7.04
C VAL A 203 -3.30 -2.36 7.21
N TYR A 204 -3.23 -1.88 8.45
CA TYR A 204 -3.27 -0.43 8.69
C TYR A 204 -1.85 0.10 8.42
N SER A 205 -1.72 0.91 7.38
CA SER A 205 -0.40 1.29 6.87
C SER A 205 0.44 2.18 7.79
N MET A 206 -0.22 3.02 8.60
CA MET A 206 0.53 3.95 9.43
C MET A 206 1.42 3.20 10.42
N LEU A 207 0.83 2.31 11.21
CA LEU A 207 1.58 1.59 12.25
C LEU A 207 1.94 0.15 11.90
N GLY A 208 1.34 -0.39 10.84
CA GLY A 208 1.61 -1.75 10.38
C GLY A 208 0.89 -2.81 11.19
N ASP A 209 -0.19 -2.44 11.88
CA ASP A 209 -1.05 -3.40 12.56
C ASP A 209 -2.11 -3.94 11.59
N ILE A 210 -2.83 -4.96 12.03
CA ILE A 210 -3.73 -5.74 11.16
C ILE A 210 -5.17 -5.51 11.58
N ALA A 211 -6.05 -5.37 10.59
CA ALA A 211 -7.48 -5.21 10.85
C ALA A 211 -8.11 -6.54 11.30
N PRO A 212 -9.12 -6.49 12.18
CA PRO A 212 -9.84 -7.69 12.60
C PRO A 212 -10.89 -8.05 11.54
N LEU A 213 -10.42 -8.46 10.36
CA LEU A 213 -11.31 -8.68 9.22
C LEU A 213 -12.36 -9.76 9.50
N LYS A 214 -11.95 -10.85 10.13
CA LYS A 214 -12.90 -11.94 10.41
C LYS A 214 -14.14 -11.39 11.11
N GLU A 215 -13.92 -10.58 12.14
CA GLU A 215 -15.01 -10.05 12.95
C GLU A 215 -15.78 -8.95 12.21
N MET A 216 -15.06 -8.08 11.51
CA MET A 216 -15.72 -6.99 10.79
C MET A 216 -16.54 -7.50 9.61
N VAL A 217 -16.03 -8.51 8.90
CA VAL A 217 -16.76 -9.10 7.79
C VAL A 217 -18.03 -9.82 8.28
N ALA A 218 -17.94 -10.54 9.40
CA ALA A 218 -19.12 -11.14 10.01
C ALA A 218 -20.18 -10.07 10.31
N VAL A 219 -19.74 -8.94 10.84
CA VAL A 219 -20.65 -7.84 11.12
C VAL A 219 -21.26 -7.31 9.82
N ALA A 220 -20.44 -7.11 8.80
CA ALA A 220 -20.92 -6.63 7.51
C ALA A 220 -22.01 -7.54 6.94
N LYS A 221 -21.77 -8.84 7.01
CA LYS A 221 -22.72 -9.80 6.47
C LYS A 221 -24.00 -9.85 7.28
N LYS A 222 -23.90 -9.71 8.60
CA LYS A 222 -25.09 -9.66 9.46
C LYS A 222 -26.05 -8.57 8.99
N HIS A 223 -25.48 -7.45 8.54
CA HIS A 223 -26.27 -6.30 8.10
C HIS A 223 -26.51 -6.27 6.58
N GLY A 224 -26.14 -7.35 5.89
CA GLY A 224 -26.40 -7.48 4.46
C GLY A 224 -25.55 -6.62 3.54
N ALA A 225 -24.42 -6.12 4.04
CA ALA A 225 -23.52 -5.27 3.25
C ALA A 225 -22.60 -6.12 2.39
N MET A 226 -22.22 -5.56 1.25
CA MET A 226 -21.12 -6.09 0.46
C MET A 226 -19.81 -5.58 1.06
N VAL A 227 -18.73 -6.32 0.84
CA VAL A 227 -17.43 -5.97 1.41
C VAL A 227 -16.36 -5.83 0.34
N LEU A 228 -15.64 -4.72 0.44
CA LEU A 228 -14.44 -4.44 -0.37
CA LEU A 228 -14.46 -4.47 -0.36
C LEU A 228 -13.25 -4.42 0.58
N VAL A 229 -12.23 -5.23 0.31
CA VAL A 229 -11.00 -5.19 1.13
C VAL A 229 -9.83 -4.78 0.27
N ASP A 230 -9.08 -3.79 0.75
CA ASP A 230 -7.83 -3.33 0.13
C ASP A 230 -6.69 -4.15 0.70
N GLU A 231 -6.05 -4.95 -0.15
CA GLU A 231 -4.95 -5.81 0.26
C GLU A 231 -3.64 -5.37 -0.41
N ALA A 232 -3.46 -4.07 -0.53
CA ALA A 232 -2.22 -3.49 -1.08
C ALA A 232 -0.96 -3.86 -0.27
N HIS A 233 -1.08 -3.92 1.05
CA HIS A 233 0.08 -4.09 1.91
C HIS A 233 0.30 -5.54 2.36
N SER A 234 -0.34 -6.50 1.68
CA SER A 234 -0.27 -7.90 2.09
C SER A 234 0.02 -8.88 0.95
N MET A 235 0.02 -8.37 -0.29
CA MET A 235 0.06 -9.22 -1.48
C MET A 235 1.33 -10.04 -1.60
N GLY A 236 1.16 -11.35 -1.69
CA GLY A 236 2.26 -12.27 -1.83
C GLY A 236 2.79 -12.85 -0.54
N PHE A 237 2.32 -12.34 0.61
CA PHE A 237 2.90 -12.77 1.86
C PHE A 237 1.97 -12.96 3.06
N PHE A 238 0.66 -12.82 2.82
CA PHE A 238 -0.36 -13.23 3.78
C PHE A 238 -1.27 -14.25 3.13
N GLY A 239 -1.61 -15.29 3.88
CA GLY A 239 -2.50 -16.34 3.40
C GLY A 239 -1.76 -17.42 2.64
N PRO A 240 -2.34 -18.63 2.57
CA PRO A 240 -1.65 -19.73 1.87
C PRO A 240 -1.25 -19.42 0.42
N ASN A 241 -2.08 -18.66 -0.29
CA ASN A 241 -1.80 -18.28 -1.67
C ASN A 241 -1.25 -16.86 -1.81
N GLY A 242 -0.98 -16.20 -0.68
CA GLY A 242 -0.49 -14.83 -0.70
C GLY A 242 -1.54 -13.79 -1.07
N ARG A 243 -2.81 -14.15 -0.94
CA ARG A 243 -3.87 -13.26 -1.41
C ARG A 243 -4.16 -12.08 -0.47
N GLY A 244 -3.80 -12.21 0.80
CA GLY A 244 -3.94 -11.11 1.73
C GLY A 244 -4.39 -11.51 3.11
N VAL A 245 -4.58 -10.49 3.95
CA VAL A 245 -5.08 -10.67 5.31
C VAL A 245 -6.40 -11.44 5.32
N TYR A 246 -7.30 -11.14 4.39
CA TYR A 246 -8.59 -11.84 4.38
C TYR A 246 -8.39 -13.34 4.20
N GLU A 247 -7.43 -13.75 3.37
CA GLU A 247 -7.17 -15.15 3.15
C GLU A 247 -6.57 -15.77 4.41
N ALA A 248 -5.62 -15.06 5.02
CA ALA A 248 -4.99 -15.51 6.25
C ALA A 248 -6.01 -15.72 7.37
N GLN A 249 -7.05 -14.89 7.40
CA GLN A 249 -8.07 -14.97 8.44
C GLN A 249 -9.28 -15.86 8.07
N GLY A 250 -9.14 -16.64 7.01
CA GLY A 250 -10.11 -17.68 6.67
C GLY A 250 -11.34 -17.23 5.90
N LEU A 251 -11.22 -16.08 5.23
CA LEU A 251 -12.39 -15.45 4.61
C LEU A 251 -12.52 -15.71 3.11
N GLU A 252 -11.75 -16.66 2.59
CA GLU A 252 -11.85 -17.07 1.19
C GLU A 252 -13.32 -17.36 0.84
N GLY A 253 -13.79 -16.75 -0.25
CA GLY A 253 -15.17 -16.94 -0.71
C GLY A 253 -16.20 -16.03 -0.06
N GLN A 254 -15.77 -15.19 0.88
CA GLN A 254 -16.67 -14.31 1.62
C GLN A 254 -16.50 -12.82 1.28
N ILE A 255 -15.47 -12.49 0.52
CA ILE A 255 -15.15 -11.10 0.21
C ILE A 255 -15.67 -10.78 -1.19
N ASP A 256 -16.57 -9.81 -1.29
CA ASP A 256 -17.16 -9.49 -2.59
C ASP A 256 -16.16 -8.93 -3.58
N PHE A 257 -15.32 -8.00 -3.13
CA PHE A 257 -14.33 -7.33 -4.00
C PHE A 257 -13.03 -7.19 -3.24
N VAL A 258 -11.91 -7.44 -3.92
CA VAL A 258 -10.59 -7.15 -3.36
C VAL A 258 -9.93 -6.13 -4.28
N VAL A 259 -9.45 -5.04 -3.70
CA VAL A 259 -8.73 -4.02 -4.44
C VAL A 259 -7.25 -4.10 -4.09
N GLY A 260 -6.40 -3.82 -5.07
CA GLY A 260 -4.99 -3.81 -4.86
C GLY A 260 -4.27 -2.93 -5.84
N THR A 261 -2.95 -3.06 -5.80
CA THR A 261 -2.05 -2.23 -6.56
C THR A 261 -0.97 -3.09 -7.18
N PHE A 262 -0.38 -2.56 -8.25
CA PHE A 262 0.83 -3.13 -8.82
C PHE A 262 2.08 -2.47 -8.27
N SER A 263 1.96 -1.45 -7.41
CA SER A 263 3.12 -0.65 -7.05
C SER A 263 3.89 -1.12 -5.84
N LYS A 264 3.38 -2.10 -5.10
CA LYS A 264 4.05 -2.57 -3.90
CA LYS A 264 4.05 -2.57 -3.90
C LYS A 264 4.73 -3.90 -4.21
N SER A 265 4.21 -5.03 -3.71
CA SER A 265 4.83 -6.32 -4.02
C SER A 265 5.06 -6.58 -5.51
N VAL A 266 4.12 -6.16 -6.36
CA VAL A 266 4.24 -6.46 -7.78
C VAL A 266 5.41 -5.71 -8.43
N GLY A 267 5.65 -4.49 -7.98
CA GLY A 267 6.83 -3.76 -8.41
C GLY A 267 6.74 -2.92 -9.67
N THR A 268 5.56 -2.48 -10.05
CA THR A 268 5.44 -1.54 -11.17
C THR A 268 4.48 -0.41 -10.83
N VAL A 269 3.48 -0.15 -11.66
CA VAL A 269 2.44 0.83 -11.38
C VAL A 269 1.13 0.26 -11.92
N GLY A 270 0.03 0.65 -11.31
CA GLY A 270 -1.28 0.16 -11.72
C GLY A 270 -2.13 -0.22 -10.53
N GLY A 271 -3.42 -0.38 -10.79
CA GLY A 271 -4.37 -0.83 -9.77
C GLY A 271 -5.23 -1.95 -10.29
N PHE A 272 -5.96 -2.58 -9.39
CA PHE A 272 -6.92 -3.57 -9.81
C PHE A 272 -7.99 -3.83 -8.78
N VAL A 273 -9.10 -4.40 -9.27
CA VAL A 273 -10.14 -4.96 -8.42
C VAL A 273 -10.48 -6.35 -8.98
N VAL A 274 -10.61 -7.33 -8.08
CA VAL A 274 -11.03 -8.68 -8.45
C VAL A 274 -12.29 -9.06 -7.70
N SER A 275 -13.05 -9.96 -8.30
CA SER A 275 -14.35 -10.36 -7.77
C SER A 275 -14.84 -11.62 -8.47
N ASN A 276 -15.68 -12.39 -7.78
CA ASN A 276 -16.43 -13.46 -8.40
C ASN A 276 -17.88 -13.07 -8.72
N HIS A 277 -18.27 -11.81 -8.51
CA HIS A 277 -19.66 -11.41 -8.78
C HIS A 277 -19.95 -11.56 -10.27
N PRO A 278 -21.09 -12.17 -10.63
CA PRO A 278 -21.31 -12.43 -12.06
C PRO A 278 -21.43 -11.18 -12.95
N LYS A 279 -21.78 -10.04 -12.38
CA LYS A 279 -21.95 -8.81 -13.14
C LYS A 279 -20.73 -7.90 -13.04
N PHE A 280 -19.67 -8.37 -12.39
CA PHE A 280 -18.52 -7.52 -12.08
C PHE A 280 -17.91 -6.85 -13.30
N GLU A 281 -17.75 -7.60 -14.38
CA GLU A 281 -17.06 -7.06 -15.53
C GLU A 281 -17.88 -5.92 -16.19
N ALA A 282 -19.16 -5.78 -15.83
CA ALA A 282 -19.99 -4.63 -16.26
C ALA A 282 -19.50 -3.28 -15.69
N VAL A 283 -18.73 -3.31 -14.61
CA VAL A 283 -18.06 -2.10 -14.09
C VAL A 283 -17.26 -1.37 -15.17
N ARG A 284 -16.68 -2.10 -16.11
CA ARG A 284 -15.94 -1.50 -17.24
C ARG A 284 -16.80 -0.50 -18.01
N LEU A 285 -18.10 -0.78 -18.08
CA LEU A 285 -19.03 0.02 -18.89
C LEU A 285 -19.39 1.35 -18.25
N ALA A 286 -19.18 1.46 -16.94
CA ALA A 286 -19.65 2.60 -16.15
C ALA A 286 -18.55 3.40 -15.45
N CYS A 287 -17.38 2.81 -15.29
CA CYS A 287 -16.39 3.35 -14.34
C CYS A 287 -15.52 4.43 -15.00
N ARG A 288 -15.74 5.69 -14.61
CA ARG A 288 -15.09 6.80 -15.31
C ARG A 288 -13.55 6.77 -15.26
N PRO A 289 -12.95 6.45 -14.10
CA PRO A 289 -11.49 6.36 -14.08
C PRO A 289 -10.91 5.16 -14.83
N TYR A 290 -11.74 4.18 -15.21
CA TYR A 290 -11.33 3.11 -16.11
C TYR A 290 -11.42 3.56 -17.58
N ILE A 291 -12.51 4.23 -17.91
CA ILE A 291 -12.82 4.59 -19.30
C ILE A 291 -11.95 5.74 -19.83
N PHE A 292 -11.80 6.78 -19.03
CA PHE A 292 -11.32 8.08 -19.53
C PHE A 292 -9.85 8.37 -19.24
N THR A 293 -9.04 7.34 -19.46
CA THR A 293 -7.61 7.42 -19.25
C THR A 293 -6.96 6.38 -20.16
N ALA A 294 -5.72 6.62 -20.54
CA ALA A 294 -4.97 5.65 -21.32
C ALA A 294 -4.69 4.41 -20.49
N SER A 295 -4.68 3.25 -21.14
CA SER A 295 -4.22 2.05 -20.51
C SER A 295 -2.72 2.08 -20.27
N LEU A 296 -2.25 1.15 -19.46
CA LEU A 296 -0.85 1.11 -19.06
C LEU A 296 0.04 0.69 -20.22
N PRO A 297 1.30 1.14 -20.23
CA PRO A 297 2.21 0.71 -21.27
C PRO A 297 2.39 -0.80 -21.30
N PRO A 298 2.61 -1.36 -22.49
CA PRO A 298 2.87 -2.79 -22.62
C PRO A 298 3.92 -3.30 -21.62
N SER A 299 5.01 -2.57 -21.42
CA SER A 299 6.06 -3.02 -20.52
C SER A 299 5.60 -3.10 -19.06
N VAL A 300 4.70 -2.19 -18.68
CA VAL A 300 4.16 -2.17 -17.33
C VAL A 300 3.27 -3.39 -17.10
N VAL A 301 2.36 -3.67 -18.01
CA VAL A 301 1.50 -4.83 -17.83
C VAL A 301 2.25 -6.15 -18.02
N ALA A 302 3.30 -6.17 -18.85
CA ALA A 302 4.12 -7.38 -18.99
C ALA A 302 4.92 -7.67 -17.72
N THR A 303 5.57 -6.64 -17.17
CA THR A 303 6.29 -6.82 -15.91
C THR A 303 5.34 -7.24 -14.79
N ALA A 304 4.14 -6.63 -14.74
CA ALA A 304 3.17 -6.99 -13.72
C ALA A 304 2.72 -8.45 -13.87
N THR A 305 2.43 -8.88 -15.08
CA THR A 305 2.00 -10.26 -15.32
C THR A 305 3.05 -11.24 -14.78
N THR A 306 4.29 -11.00 -15.16
CA THR A 306 5.38 -11.90 -14.78
C THR A 306 5.55 -11.89 -13.26
N SER A 307 5.53 -10.70 -12.67
CA SER A 307 5.67 -10.57 -11.23
C SER A 307 4.53 -11.28 -10.45
N ILE A 308 3.29 -11.00 -10.84
CA ILE A 308 2.12 -11.60 -10.21
C ILE A 308 2.21 -13.13 -10.26
N ARG A 309 2.56 -13.68 -11.41
CA ARG A 309 2.64 -15.12 -11.54
C ARG A 309 3.75 -15.70 -10.67
N LYS A 310 4.90 -15.03 -10.59
CA LYS A 310 5.97 -15.49 -9.71
C LYS A 310 5.59 -15.38 -8.25
N LEU A 311 4.84 -14.35 -7.89
CA LEU A 311 4.40 -14.17 -6.51
C LEU A 311 3.54 -15.33 -6.01
N MET A 312 2.86 -16.03 -6.93
CA MET A 312 2.03 -17.17 -6.53
C MET A 312 2.81 -18.25 -5.83
N THR A 313 4.10 -18.37 -6.13
CA THR A 313 4.93 -19.45 -5.59
C THR A 313 6.29 -18.98 -5.04
N ALA A 314 6.37 -17.74 -4.61
CA ALA A 314 7.62 -17.12 -4.19
C ALA A 314 7.87 -17.42 -2.72
N HIS A 315 7.97 -18.71 -2.40
CA HIS A 315 8.03 -19.13 -0.99
C HIS A 315 9.33 -18.73 -0.30
N GLU A 316 10.46 -18.84 -0.99
CA GLU A 316 11.74 -18.41 -0.41
C GLU A 316 11.69 -16.94 -0.03
N LYS A 317 11.21 -16.09 -0.95
CA LYS A 317 11.08 -14.66 -0.69
C LYS A 317 10.15 -14.38 0.49
N ARG A 318 9.00 -15.06 0.51
CA ARG A 318 8.04 -14.86 1.57
C ARG A 318 8.66 -15.18 2.93
N GLU A 319 9.36 -16.30 3.03
CA GLU A 319 10.02 -16.67 4.27
C GLU A 319 11.08 -15.66 4.70
N ARG A 320 11.88 -15.18 3.75
N ARG A 320 11.89 -15.18 3.76
CA ARG A 320 12.90 -14.16 4.02
CA ARG A 320 12.92 -14.18 4.06
C ARG A 320 12.27 -12.87 4.53
C ARG A 320 12.30 -12.85 4.50
N LEU A 321 11.22 -12.46 3.84
CA LEU A 321 10.52 -11.22 4.21
C LEU A 321 10.10 -11.28 5.68
N TRP A 322 9.43 -12.37 6.05
CA TRP A 322 8.92 -12.49 7.41
C TRP A 322 10.04 -12.66 8.44
N SER A 323 11.08 -13.41 8.07
CA SER A 323 12.26 -13.53 8.93
C SER A 323 12.89 -12.17 9.19
N ASN A 324 13.05 -11.39 8.13
CA ASN A 324 13.61 -10.04 8.24
C ASN A 324 12.75 -9.11 9.11
N ALA A 325 11.43 -9.15 8.89
CA ALA A 325 10.49 -8.33 9.62
C ALA A 325 10.56 -8.67 11.10
N ARG A 326 10.54 -9.97 11.43
CA ARG A 326 10.62 -10.39 12.82
C ARG A 326 11.94 -9.96 13.48
N ALA A 327 13.04 -10.06 12.75
CA ALA A 327 14.34 -9.62 13.27
C ALA A 327 14.41 -8.11 13.53
N LEU A 328 13.87 -7.33 12.59
CA LEU A 328 13.89 -5.88 12.76
C LEU A 328 12.95 -5.46 13.89
N HIS A 329 11.73 -5.98 13.85
CA HIS A 329 10.74 -5.63 14.86
C HIS A 329 11.26 -6.01 16.26
N GLY A 330 11.70 -7.26 16.39
CA GLY A 330 12.20 -7.78 17.66
C GLY A 330 13.42 -7.01 18.15
N GLY A 331 14.31 -6.69 17.23
CA GLY A 331 15.53 -5.97 17.57
C GLY A 331 15.25 -4.55 18.03
N LEU A 332 14.39 -3.83 17.31
CA LEU A 332 14.07 -2.44 17.66
C LEU A 332 13.34 -2.33 19.00
N LYS A 333 12.41 -3.25 19.22
CA LYS A 333 11.68 -3.29 20.48
C LYS A 333 12.63 -3.58 21.63
N ALA A 334 13.56 -4.53 21.43
CA ALA A 334 14.51 -4.93 22.47
C ALA A 334 15.40 -3.76 22.93
N MET A 335 15.73 -2.86 21.99
CA MET A 335 16.56 -1.68 22.27
CA MET A 335 16.56 -1.68 22.26
C MET A 335 15.84 -0.60 23.05
N GLY A 336 14.53 -0.70 23.12
CA GLY A 336 13.71 0.26 23.86
C GLY A 336 12.98 1.26 23.02
N PHE A 337 12.95 1.06 21.70
CA PHE A 337 12.09 1.87 20.83
C PHE A 337 10.65 1.48 21.07
N ARG A 338 9.77 2.49 21.08
CA ARG A 338 8.35 2.26 21.15
C ARG A 338 7.85 2.00 19.75
N LEU A 339 7.29 0.82 19.52
CA LEU A 339 6.81 0.44 18.20
C LEU A 339 5.30 0.56 18.12
N GLY A 340 4.79 0.66 16.89
CA GLY A 340 3.34 0.71 16.65
C GLY A 340 2.60 -0.58 16.94
N THR A 341 3.33 -1.70 17.02
CA THR A 341 2.74 -3.01 17.26
C THR A 341 3.56 -3.79 18.29
N GLU A 342 2.88 -4.53 19.15
CA GLU A 342 3.54 -5.37 20.15
C GLU A 342 4.19 -6.59 19.52
N THR A 343 3.56 -7.12 18.47
CA THR A 343 4.08 -8.26 17.75
C THR A 343 4.25 -7.90 16.29
N CYS A 344 5.10 -8.66 15.60
CA CYS A 344 5.42 -8.39 14.22
C CYS A 344 4.28 -8.93 13.36
N ASP A 345 3.38 -8.04 12.96
CA ASP A 345 2.16 -8.44 12.27
C ASP A 345 2.12 -8.12 10.77
N SER A 346 3.13 -7.42 10.27
CA SER A 346 3.21 -7.06 8.86
C SER A 346 4.66 -6.72 8.52
N ALA A 347 4.89 -6.27 7.29
CA ALA A 347 6.23 -5.88 6.85
C ALA A 347 6.50 -4.38 7.07
N ILE A 348 5.63 -3.72 7.81
CA ILE A 348 5.84 -2.34 8.24
C ILE A 348 6.15 -2.35 9.74
N VAL A 349 7.26 -1.73 10.12
CA VAL A 349 7.64 -1.54 11.52
C VAL A 349 7.68 -0.03 11.76
N ALA A 350 6.80 0.47 12.60
CA ALA A 350 6.70 1.89 12.90
C ALA A 350 7.35 2.21 14.24
N VAL A 351 8.33 3.12 14.24
CA VAL A 351 8.97 3.58 15.45
C VAL A 351 8.30 4.87 15.86
N MET A 352 7.81 4.93 17.09
CA MET A 352 7.06 6.06 17.59
C MET A 352 7.96 6.96 18.41
N LEU A 353 8.01 8.24 18.06
CA LEU A 353 8.84 9.21 18.75
C LEU A 353 7.99 10.24 19.49
N GLU A 354 8.63 10.96 20.40
CA GLU A 354 7.91 11.81 21.35
C GLU A 354 7.45 13.13 20.75
N ASP A 355 8.23 13.66 19.81
CA ASP A 355 7.92 14.93 19.17
C ASP A 355 8.53 15.03 17.78
N GLN A 356 8.16 16.08 17.06
CA GLN A 356 8.59 16.27 15.67
C GLN A 356 10.10 16.42 15.54
N GLU A 357 10.71 17.11 16.50
CA GLU A 357 12.16 17.33 16.51
C GLU A 357 12.91 16.01 16.65
N GLN A 358 12.46 15.16 17.57
CA GLN A 358 13.08 13.86 17.78
C GLN A 358 13.01 12.99 16.52
N ALA A 359 11.86 13.03 15.84
CA ALA A 359 11.68 12.28 14.61
C ALA A 359 12.65 12.74 13.52
N ALA A 360 12.70 14.05 13.29
CA ALA A 360 13.58 14.62 12.28
C ALA A 360 15.06 14.36 12.58
N MET A 361 15.47 14.53 13.84
CA MET A 361 16.85 14.27 14.25
C MET A 361 17.22 12.79 14.02
N MET A 362 16.31 11.89 14.39
CA MET A 362 16.52 10.46 14.17
C MET A 362 16.62 10.17 12.67
N TRP A 363 15.69 10.71 11.90
CA TRP A 363 15.66 10.47 10.47
C TRP A 363 16.94 10.95 9.79
N GLN A 364 17.39 12.15 10.17
CA GLN A 364 18.60 12.72 9.57
C GLN A 364 19.84 11.91 9.96
N ALA A 365 19.92 11.52 11.23
CA ALA A 365 21.07 10.73 11.69
C ALA A 365 21.14 9.40 10.94
N LEU A 366 20.00 8.76 10.76
CA LEU A 366 19.96 7.51 10.01
C LEU A 366 20.39 7.74 8.55
N LEU A 367 19.86 8.78 7.94
CA LEU A 367 20.19 9.09 6.56
C LEU A 367 21.69 9.38 6.41
N ASP A 368 22.22 10.25 7.27
CA ASP A 368 23.64 10.58 7.20
C ASP A 368 24.55 9.37 7.44
N GLY A 369 24.07 8.41 8.23
CA GLY A 369 24.80 7.17 8.49
C GLY A 369 24.61 6.07 7.46
N GLY A 370 23.78 6.31 6.44
CA GLY A 370 23.61 5.37 5.32
C GLY A 370 22.34 4.53 5.33
N LEU A 371 21.26 5.06 5.91
CA LEU A 371 19.99 4.33 5.96
C LEU A 371 18.83 5.26 5.65
N TYR A 372 17.98 4.85 4.69
CA TYR A 372 16.77 5.59 4.36
C TYR A 372 15.54 4.89 4.97
N VAL A 373 14.80 5.63 5.79
CA VAL A 373 13.47 5.21 6.26
C VAL A 373 12.50 6.35 5.98
N ASN A 374 11.20 6.07 6.05
CA ASN A 374 10.21 7.11 5.84
C ASN A 374 9.87 7.77 7.16
N MET A 375 9.84 9.09 7.14
CA MET A 375 9.33 9.80 8.30
C MET A 375 7.88 10.16 8.03
N ALA A 376 7.08 10.11 9.09
CA ALA A 376 5.67 10.54 9.04
C ALA A 376 5.39 11.47 10.22
N ARG A 377 4.99 12.69 9.90
CA ARG A 377 4.71 13.74 10.89
C ARG A 377 3.32 14.31 10.60
N PRO A 378 2.75 15.08 11.54
CA PRO A 378 1.49 15.74 11.20
C PRO A 378 1.67 16.74 10.05
N PRO A 379 0.66 16.87 9.17
CA PRO A 379 -0.67 16.25 9.20
C PRO A 379 -0.76 14.89 8.49
N ALA A 380 0.37 14.33 8.06
CA ALA A 380 0.37 12.98 7.49
C ALA A 380 -0.10 11.99 8.56
N THR A 381 0.34 12.21 9.80
CA THR A 381 -0.09 11.42 10.95
C THR A 381 -1.03 12.27 11.81
N PRO A 382 -1.75 11.63 12.75
CA PRO A 382 -2.55 12.43 13.69
C PRO A 382 -1.67 13.28 14.61
N ALA A 383 -2.21 14.40 15.09
CA ALA A 383 -1.50 15.26 16.03
C ALA A 383 -0.96 14.43 17.19
N GLY A 384 0.30 14.64 17.54
CA GLY A 384 0.95 13.91 18.63
C GLY A 384 1.62 12.61 18.21
N THR A 385 1.46 12.22 16.94
CA THR A 385 2.08 11.01 16.42
C THR A 385 3.23 11.40 15.48
N PHE A 386 4.42 10.87 15.80
CA PHE A 386 5.64 11.18 15.06
C PHE A 386 6.38 9.87 14.84
N LEU A 387 6.52 9.47 13.58
CA LEU A 387 6.93 8.11 13.25
C LEU A 387 8.13 8.06 12.32
N LEU A 388 8.92 7.01 12.48
CA LEU A 388 9.79 6.50 11.43
C LEU A 388 9.20 5.17 11.00
N ARG A 389 8.86 5.05 9.72
CA ARG A 389 8.23 3.85 9.21
C ARG A 389 9.24 3.07 8.38
N CYS A 390 9.55 1.86 8.83
CA CYS A 390 10.49 0.98 8.17
C CYS A 390 9.67 -0.04 7.43
N SER A 391 10.06 -0.35 6.22
CA SER A 391 9.38 -1.38 5.44
C SER A 391 10.42 -2.36 4.93
N ILE A 392 10.18 -3.63 5.24
CA ILE A 392 11.12 -4.69 5.01
C ILE A 392 10.96 -5.21 3.58
N CYS A 393 12.04 -5.75 3.08
CA CYS A 393 12.11 -6.34 1.75
C CYS A 393 12.56 -7.80 1.86
N ALA A 394 11.98 -8.68 1.06
CA ALA A 394 12.42 -10.08 0.98
C ALA A 394 13.90 -10.21 0.61
N GLU A 395 14.43 -9.21 -0.08
CA GLU A 395 15.82 -9.26 -0.52
C GLU A 395 16.79 -8.56 0.43
N HIS A 396 16.33 -8.03 1.56
CA HIS A 396 17.26 -7.68 2.63
C HIS A 396 17.95 -8.96 3.09
N THR A 397 19.25 -8.88 3.31
CA THR A 397 19.96 -10.00 3.90
C THR A 397 19.93 -9.92 5.42
N PRO A 398 20.13 -11.05 6.10
CA PRO A 398 20.29 -11.00 7.54
C PRO A 398 21.38 -10.00 7.97
N ALA A 399 22.47 -9.95 7.22
CA ALA A 399 23.55 -9.01 7.49
C ALA A 399 23.07 -7.56 7.43
N GLN A 400 22.31 -7.22 6.39
CA GLN A 400 21.76 -5.87 6.28
C GLN A 400 20.85 -5.51 7.46
N ILE A 401 20.00 -6.45 7.87
CA ILE A 401 19.11 -6.19 9.00
C ILE A 401 19.92 -5.94 10.28
N GLN A 402 20.98 -6.71 10.52
CA GLN A 402 21.81 -6.42 11.69
C GLN A 402 22.53 -5.08 11.55
N THR A 403 22.99 -4.74 10.35
CA THR A 403 23.57 -3.41 10.12
C THR A 403 22.58 -2.30 10.44
N VAL A 404 21.35 -2.46 9.95
CA VAL A 404 20.26 -1.51 10.26
C VAL A 404 20.01 -1.38 11.76
N LEU A 405 19.96 -2.51 12.47
CA LEU A 405 19.76 -2.48 13.92
C LEU A 405 20.90 -1.71 14.60
N GLY A 406 22.13 -1.96 14.17
CA GLY A 406 23.28 -1.21 14.68
C GLY A 406 23.14 0.29 14.43
N MET A 407 22.66 0.65 13.25
CA MET A 407 22.47 2.06 12.91
C MET A 407 21.36 2.71 13.75
N PHE A 408 20.30 1.97 14.04
CA PHE A 408 19.24 2.46 14.92
C PHE A 408 19.74 2.63 16.35
N GLN A 409 20.59 1.72 16.81
CA GLN A 409 21.17 1.81 18.14
CA GLN A 409 21.17 1.81 18.14
C GLN A 409 22.02 3.08 18.25
N ALA A 410 22.86 3.32 17.24
CA ALA A 410 23.76 4.47 17.25
C ALA A 410 22.99 5.79 17.16
N ALA A 411 22.00 5.85 16.28
CA ALA A 411 21.21 7.06 16.10
C ALA A 411 20.34 7.34 17.33
N GLY A 412 19.67 6.29 17.81
CA GLY A 412 18.82 6.40 19.01
C GLY A 412 19.57 6.92 20.24
N ARG A 413 20.83 6.49 20.39
CA ARG A 413 21.68 6.98 21.48
C ARG A 413 22.10 8.43 21.29
N ALA A 414 22.59 8.75 20.10
CA ALA A 414 23.07 10.09 19.77
C ALA A 414 21.97 11.15 19.94
N VAL A 415 20.75 10.78 19.57
CA VAL A 415 19.59 11.69 19.65
C VAL A 415 18.95 11.67 21.05
N GLY A 416 19.11 10.58 21.78
CA GLY A 416 18.59 10.45 23.14
C GLY A 416 17.22 9.81 23.24
N VAL A 417 16.86 9.04 22.21
CA VAL A 417 15.57 8.35 22.15
C VAL A 417 15.56 7.11 23.06
N ILE A 418 16.71 6.41 23.10
CA ILE A 418 16.83 5.15 23.85
C ILE A 418 17.98 5.19 24.84
N1 PMP B . -4.38 1.46 -1.15
C2 PMP B . -3.46 1.63 -0.15
C2A PMP B . -3.72 0.98 1.17
C3 PMP B . -2.31 2.36 -0.40
O3 PMP B . -1.38 2.51 0.60
C4 PMP B . -2.12 2.97 -1.65
C4A PMP B . -0.92 3.86 -1.93
N4A PMP B . 0.10 3.71 -0.92
C5 PMP B . -3.07 2.78 -2.64
C6 PMP B . -4.22 2.03 -2.37
C5A PMP B . -2.93 3.38 -4.02
O4P PMP B . -2.02 2.60 -4.76
P PMP B . -1.12 3.24 -5.93
O1P PMP B . -0.99 2.09 -6.89
O2P PMP B . 0.22 3.68 -5.41
O3P PMP B . -1.88 4.35 -6.59
MG MG C . 22.76 -2.09 -11.65
#